data_8GYA
#
_entry.id   8GYA
#
_cell.length_a   120.184
_cell.length_b   120.184
_cell.length_c   88.421
_cell.angle_alpha   90.000
_cell.angle_beta   90.000
_cell.angle_gamma   90.000
#
_symmetry.space_group_name_H-M   'P 42 21 2'
#
loop_
_entity.id
_entity.type
_entity.pdbx_description
1 polymer Methyltransferase
2 non-polymer SINEFUNGIN
3 water water
#
_entity_poly.entity_id   1
_entity_poly.type   'polypeptide(L)'
_entity_poly.pdbx_seq_one_letter_code
;GPLGSEVYKGDGYKVWKLEPSLGDPLELGRKTKTEMNAMTHDEFDRMKYRGVVAEVYSGDKPSKGYDKLRVLLDLMDRPR
LGTTVDLCAGRGGWSELVKDLEGPKGITAVSLWERGKEEWMADPAIHRINANVKHLRPWQVDTLLFDGGEAFKRDQNLRK
EENFNDSLLDAVDAWMMQPVPPRNFVIKIQVPYTQKAIALLEKWQVKTGKGRLVRLAGDRLSNTVMYFLSVRLETQIRGR
VTTFVRELAERRKDRSLTADPSLQYERVEPQWTEEAR
;
_entity_poly.pdbx_strand_id   A,B
#
loop_
_chem_comp.id
_chem_comp.type
_chem_comp.name
_chem_comp.formula
SFG non-polymer SINEFUNGIN 'C15 H23 N7 O5'
#
# COMPACT_ATOMS: atom_id res chain seq x y z
N PRO A 2 -3.42 16.03 -31.53
CA PRO A 2 -4.66 15.37 -31.17
C PRO A 2 -4.37 14.12 -30.38
N LEU A 3 -5.27 13.75 -29.51
CA LEU A 3 -5.10 12.55 -28.73
C LEU A 3 -5.01 11.36 -29.65
N GLY A 4 -5.75 11.35 -30.75
CA GLY A 4 -5.66 10.27 -31.69
C GLY A 4 -6.21 8.98 -31.18
N SER A 5 -5.65 7.88 -31.65
CA SER A 5 -6.07 6.55 -31.30
C SER A 5 -6.08 6.26 -29.82
N GLU A 6 -5.27 6.97 -29.04
CA GLU A 6 -5.24 6.82 -27.59
C GLU A 6 -6.62 6.96 -26.96
N VAL A 7 -7.55 7.64 -27.64
CA VAL A 7 -8.88 7.85 -27.11
C VAL A 7 -9.64 6.53 -26.96
N TYR A 8 -9.34 5.54 -27.81
CA TYR A 8 -10.12 4.31 -27.81
C TYR A 8 -9.72 3.32 -26.73
N LYS A 9 -8.56 3.48 -26.15
CA LYS A 9 -8.17 2.57 -25.10
C LYS A 9 -7.66 3.43 -24.00
N GLY A 10 -8.57 4.11 -23.29
CA GLY A 10 -9.98 3.90 -23.54
C GLY A 10 -10.55 3.18 -22.34
N ASP A 11 -10.47 3.87 -21.22
CA ASP A 11 -10.87 3.38 -19.91
C ASP A 11 -12.23 3.90 -19.48
N GLY A 12 -12.52 5.17 -19.79
CA GLY A 12 -13.67 5.91 -19.31
C GLY A 12 -14.99 5.17 -19.25
N TYR A 13 -15.34 4.43 -20.31
CA TYR A 13 -16.65 3.79 -20.37
C TYR A 13 -16.72 2.50 -19.58
N LYS A 14 -15.60 1.82 -19.35
CA LYS A 14 -15.64 0.39 -19.05
C LYS A 14 -15.55 0.04 -17.58
N VAL A 15 -14.92 0.88 -16.76
CA VAL A 15 -14.67 0.54 -15.37
C VAL A 15 -14.96 1.77 -14.52
N TRP A 16 -15.22 1.53 -13.24
CA TRP A 16 -15.41 2.64 -12.31
C TRP A 16 -14.10 3.39 -12.12
N LYS A 17 -14.21 4.71 -11.96
CA LYS A 17 -13.09 5.49 -11.45
C LYS A 17 -12.96 5.22 -9.96
N LEU A 18 -11.78 4.77 -9.53
CA LEU A 18 -11.54 4.41 -8.13
C LEU A 18 -10.26 5.07 -7.65
N GLU A 19 -10.36 6.31 -7.19
CA GLU A 19 -9.23 6.92 -6.49
C GLU A 19 -9.27 6.52 -5.02
N PRO A 20 -8.10 6.41 -4.38
CA PRO A 20 -8.09 5.95 -2.98
C PRO A 20 -8.78 6.95 -2.06
N SER A 21 -9.48 6.43 -1.06
CA SER A 21 -10.08 7.29 -0.05
C SER A 21 -9.86 6.68 1.33
N LEU A 22 -10.14 7.49 2.36
CA LEU A 22 -9.98 7.08 3.74
C LEU A 22 -11.10 6.16 4.17
N GLY A 23 -10.81 5.27 5.12
CA GLY A 23 -11.81 4.41 5.71
C GLY A 23 -11.33 2.98 5.81
N ASP A 24 -12.15 2.18 6.50
CA ASP A 24 -11.87 0.78 6.76
C ASP A 24 -12.69 -0.06 5.80
N PRO A 25 -12.08 -0.71 4.80
CA PRO A 25 -12.89 -1.42 3.79
C PRO A 25 -13.64 -2.61 4.35
N LEU A 26 -13.10 -3.31 5.36
CA LEU A 26 -13.80 -4.48 5.90
C LEU A 26 -15.07 -4.05 6.63
N GLU A 27 -14.99 -3.02 7.48
CA GLU A 27 -16.17 -2.50 8.16
C GLU A 27 -17.23 -2.03 7.17
N LEU A 28 -16.82 -1.29 6.15
CA LEU A 28 -17.77 -0.77 5.17
C LEU A 28 -18.38 -1.89 4.34
N GLY A 29 -17.57 -2.89 3.96
CA GLY A 29 -18.09 -4.01 3.20
C GLY A 29 -19.11 -4.80 3.98
N ARG A 30 -18.80 -5.07 5.25
CA ARG A 30 -19.76 -5.78 6.10
C ARG A 30 -21.02 -4.96 6.31
N LYS A 31 -20.88 -3.64 6.42
CA LYS A 31 -22.06 -2.78 6.57
C LYS A 31 -22.99 -2.91 5.37
N THR A 32 -22.44 -2.76 4.15
CA THR A 32 -23.34 -2.80 3.00
C THR A 32 -23.86 -4.21 2.73
N LYS A 33 -23.09 -5.25 3.07
CA LYS A 33 -23.62 -6.59 2.94
C LYS A 33 -24.78 -6.83 3.93
N THR A 34 -24.64 -6.33 5.16
CA THR A 34 -25.74 -6.45 6.13
C THR A 34 -26.99 -5.73 5.64
N GLU A 35 -26.80 -4.50 5.14
CA GLU A 35 -27.94 -3.75 4.60
C GLU A 35 -28.60 -4.48 3.44
N MET A 36 -27.80 -5.07 2.55
CA MET A 36 -28.38 -5.83 1.45
C MET A 36 -29.13 -7.05 1.95
N ASN A 37 -28.58 -7.75 2.95
CA ASN A 37 -29.27 -8.92 3.49
C ASN A 37 -30.63 -8.55 4.06
N ALA A 38 -30.78 -7.33 4.60
CA ALA A 38 -32.06 -6.93 5.18
C ALA A 38 -33.05 -6.35 4.16
N MET A 39 -32.63 -6.11 2.92
CA MET A 39 -33.52 -5.51 1.92
C MET A 39 -34.73 -6.39 1.62
N THR A 40 -35.85 -5.76 1.31
CA THR A 40 -37.03 -6.49 0.87
C THR A 40 -36.81 -7.08 -0.51
N HIS A 41 -37.72 -7.97 -0.90
CA HIS A 41 -37.76 -8.44 -2.29
C HIS A 41 -37.76 -7.27 -3.26
N ASP A 42 -38.62 -6.28 -3.01
CA ASP A 42 -38.71 -5.10 -3.87
C ASP A 42 -37.34 -4.43 -3.98
N GLU A 43 -36.83 -3.92 -2.85
CA GLU A 43 -35.49 -3.31 -2.81
C GLU A 43 -34.45 -4.17 -3.51
N PHE A 44 -34.32 -5.44 -3.09
CA PHE A 44 -33.26 -6.31 -3.59
C PHE A 44 -33.36 -6.49 -5.10
N ASP A 45 -34.55 -6.85 -5.57
CA ASP A 45 -34.80 -7.05 -6.99
C ASP A 45 -34.37 -5.82 -7.80
N ARG A 46 -34.78 -4.63 -7.34
CA ARG A 46 -34.58 -3.42 -8.13
C ARG A 46 -33.13 -3.11 -8.43
N MET A 47 -32.19 -3.66 -7.69
CA MET A 47 -30.81 -3.33 -7.91
C MET A 47 -29.94 -4.55 -8.11
N LYS A 48 -30.51 -5.74 -7.96
CA LYS A 48 -29.82 -6.96 -8.36
C LYS A 48 -29.73 -7.11 -9.87
N TYR A 49 -30.40 -6.28 -10.65
CA TYR A 49 -30.36 -6.53 -12.09
C TYR A 49 -29.04 -6.08 -12.74
N GLY A 59 -26.63 -16.44 -25.95
CA GLY A 59 -26.66 -17.89 -25.94
C GLY A 59 -25.65 -18.45 -26.94
N ASP A 60 -25.08 -17.52 -27.70
CA ASP A 60 -24.08 -17.82 -28.72
C ASP A 60 -22.85 -18.53 -28.15
N LYS A 61 -22.57 -18.34 -26.86
CA LYS A 61 -21.27 -18.72 -26.31
C LYS A 61 -21.47 -19.78 -25.23
N PRO A 62 -20.40 -20.40 -24.71
CA PRO A 62 -20.59 -21.39 -23.64
C PRO A 62 -21.18 -20.80 -22.37
N SER A 63 -20.98 -19.50 -22.14
CA SER A 63 -21.51 -18.83 -20.96
C SER A 63 -21.42 -17.33 -21.21
N LYS A 64 -21.97 -16.57 -20.27
CA LYS A 64 -21.78 -15.13 -20.29
C LYS A 64 -20.37 -14.72 -19.93
N GLY A 65 -19.50 -15.66 -19.53
CA GLY A 65 -18.14 -15.31 -19.18
C GLY A 65 -17.29 -14.96 -20.38
N TYR A 66 -17.61 -15.50 -21.54
CA TYR A 66 -16.86 -15.22 -22.78
C TYR A 66 -16.75 -13.70 -23.02
N ASP A 67 -17.89 -13.00 -23.08
CA ASP A 67 -17.86 -11.56 -23.33
C ASP A 67 -17.13 -10.81 -22.22
N LYS A 68 -17.30 -11.24 -20.98
CA LYS A 68 -16.62 -10.58 -19.86
C LYS A 68 -15.12 -10.65 -20.01
N LEU A 69 -14.58 -11.85 -20.25
CA LEU A 69 -13.14 -11.96 -20.43
C LEU A 69 -12.67 -11.16 -21.64
N ARG A 70 -13.48 -11.09 -22.70
CA ARG A 70 -13.06 -10.29 -23.86
C ARG A 70 -12.88 -8.82 -23.48
N VAL A 71 -13.81 -8.26 -22.69
CA VAL A 71 -13.66 -6.88 -22.24
C VAL A 71 -12.39 -6.73 -21.41
N LEU A 72 -12.15 -7.66 -20.48
CA LEU A 72 -10.97 -7.54 -19.63
C LEU A 72 -9.67 -7.63 -20.44
N LEU A 73 -9.60 -8.58 -21.37
CA LEU A 73 -8.39 -8.73 -22.16
C LEU A 73 -8.17 -7.50 -23.06
N ASP A 74 -9.25 -6.89 -23.55
CA ASP A 74 -9.08 -5.64 -24.29
C ASP A 74 -8.53 -4.53 -23.39
N LEU A 75 -9.03 -4.42 -22.15
CA LEU A 75 -8.45 -3.47 -21.21
C LEU A 75 -6.96 -3.69 -21.03
N MET A 76 -6.49 -4.92 -21.23
CA MET A 76 -5.09 -5.27 -21.07
C MET A 76 -4.27 -5.10 -22.34
N ASP A 77 -4.83 -4.46 -23.36
CA ASP A 77 -4.14 -4.23 -24.64
C ASP A 77 -3.97 -5.52 -25.44
N ARG A 78 -4.87 -6.48 -25.26
CA ARG A 78 -4.93 -7.68 -26.10
C ARG A 78 -3.60 -8.43 -26.17
N PRO A 79 -3.04 -8.87 -25.04
CA PRO A 79 -1.74 -9.55 -25.08
C PRO A 79 -1.83 -10.90 -25.75
N ARG A 80 -0.68 -11.37 -26.22
CA ARG A 80 -0.56 -12.76 -26.64
C ARG A 80 -0.60 -13.65 -25.40
N LEU A 81 -1.39 -14.72 -25.45
CA LEU A 81 -1.70 -15.49 -24.23
C LEU A 81 -0.78 -16.69 -24.01
N GLY A 82 -0.39 -17.40 -25.09
CA GLY A 82 0.52 -18.53 -24.92
C GLY A 82 -0.07 -19.63 -24.06
N THR A 83 0.79 -20.30 -23.29
CA THR A 83 0.34 -21.35 -22.38
C THR A 83 -0.53 -20.74 -21.29
N THR A 84 -1.79 -21.19 -21.22
CA THR A 84 -2.79 -20.55 -20.37
C THR A 84 -3.45 -21.61 -19.51
N VAL A 85 -3.61 -21.33 -18.22
CA VAL A 85 -4.46 -22.14 -17.34
C VAL A 85 -5.68 -21.31 -16.97
N ASP A 86 -6.85 -21.93 -17.07
CA ASP A 86 -8.13 -21.34 -16.74
C ASP A 86 -8.60 -22.05 -15.47
N LEU A 87 -8.36 -21.43 -14.32
CA LEU A 87 -8.73 -22.01 -13.04
C LEU A 87 -10.19 -21.70 -12.74
N CYS A 88 -10.92 -22.70 -12.23
CA CYS A 88 -12.35 -22.62 -12.00
C CYS A 88 -13.09 -22.32 -13.30
N ALA A 89 -12.90 -23.20 -14.28
CA ALA A 89 -13.35 -22.96 -15.64
C ALA A 89 -14.86 -23.14 -15.84
N GLY A 90 -15.51 -23.91 -14.97
CA GLY A 90 -16.96 -24.04 -15.08
C GLY A 90 -17.37 -24.56 -16.45
N ARG A 91 -18.34 -23.87 -17.07
CA ARG A 91 -18.85 -24.27 -18.37
C ARG A 91 -17.89 -23.95 -19.51
N GLY A 92 -16.85 -23.17 -19.26
CA GLY A 92 -15.80 -22.95 -20.24
C GLY A 92 -15.86 -21.68 -21.09
N GLY A 93 -16.57 -20.64 -20.65
CA GLY A 93 -16.64 -19.43 -21.48
C GLY A 93 -15.28 -18.76 -21.68
N TRP A 94 -14.47 -18.73 -20.62
CA TRP A 94 -13.15 -18.10 -20.72
C TRP A 94 -12.22 -18.94 -21.58
N SER A 95 -12.23 -20.26 -21.37
CA SER A 95 -11.39 -21.15 -22.18
C SER A 95 -11.78 -21.08 -23.63
N GLU A 96 -13.08 -20.96 -23.92
CA GLU A 96 -13.52 -20.87 -25.31
C GLU A 96 -13.04 -19.57 -25.94
N LEU A 97 -13.01 -18.48 -25.17
CA LEU A 97 -12.46 -17.25 -25.74
C LEU A 97 -10.97 -17.43 -26.08
N VAL A 98 -10.19 -18.01 -25.16
CA VAL A 98 -8.77 -18.23 -25.45
C VAL A 98 -8.61 -19.10 -26.69
N LYS A 99 -9.44 -20.15 -26.80
CA LYS A 99 -9.37 -21.04 -27.95
C LYS A 99 -9.68 -20.31 -29.25
N ASP A 100 -10.69 -19.43 -29.25
CA ASP A 100 -10.98 -18.64 -30.44
C ASP A 100 -9.84 -17.69 -30.78
N LEU A 101 -9.15 -17.20 -29.75
CA LEU A 101 -8.05 -16.27 -29.97
C LEU A 101 -6.83 -16.96 -30.56
N GLU A 102 -6.48 -18.13 -30.04
CA GLU A 102 -5.18 -18.72 -30.33
C GLU A 102 -5.20 -20.23 -30.58
N GLY A 103 -6.37 -20.87 -30.59
CA GLY A 103 -6.43 -22.30 -30.82
C GLY A 103 -6.49 -23.06 -29.51
N PRO A 104 -6.87 -24.34 -29.56
CA PRO A 104 -7.08 -25.10 -28.32
C PRO A 104 -5.82 -25.63 -27.65
N LYS A 105 -4.67 -25.61 -28.32
CA LYS A 105 -3.49 -26.34 -27.85
C LYS A 105 -2.93 -25.76 -26.55
N GLY A 106 -3.00 -24.44 -26.39
CA GLY A 106 -2.31 -23.84 -25.27
C GLY A 106 -3.09 -23.71 -23.99
N ILE A 107 -4.30 -24.26 -23.91
CA ILE A 107 -5.21 -24.05 -22.78
C ILE A 107 -5.30 -25.31 -21.94
N THR A 108 -5.24 -25.14 -20.63
CA THR A 108 -5.66 -26.18 -19.69
C THR A 108 -6.77 -25.61 -18.83
N ALA A 109 -7.92 -26.28 -18.81
CA ALA A 109 -9.04 -25.86 -17.99
C ALA A 109 -9.12 -26.72 -16.73
N VAL A 110 -9.27 -26.07 -15.58
CA VAL A 110 -9.37 -26.75 -14.29
C VAL A 110 -10.70 -26.39 -13.66
N SER A 111 -11.50 -27.40 -13.32
CA SER A 111 -12.74 -27.15 -12.61
C SER A 111 -13.19 -28.45 -11.95
N LEU A 112 -14.10 -28.31 -10.99
CA LEU A 112 -14.78 -29.46 -10.39
C LEU A 112 -16.07 -29.69 -11.17
N TRP A 113 -16.07 -30.67 -12.06
CA TRP A 113 -17.27 -31.08 -12.80
C TRP A 113 -17.78 -32.34 -12.10
N GLU A 114 -18.67 -32.15 -11.14
CA GLU A 114 -19.10 -33.24 -10.27
C GLU A 114 -20.62 -33.26 -10.15
N GLU A 118 -22.57 -28.77 -13.34
CA GLU A 118 -21.75 -28.06 -14.32
C GLU A 118 -21.18 -29.03 -15.34
N GLU A 119 -21.48 -28.77 -16.59
CA GLU A 119 -20.98 -29.56 -17.69
C GLU A 119 -20.29 -28.64 -18.69
N TRP A 120 -19.33 -29.19 -19.42
CA TRP A 120 -18.47 -28.41 -20.32
C TRP A 120 -19.23 -28.06 -21.59
N MET A 121 -19.42 -26.76 -21.82
CA MET A 121 -20.13 -26.27 -23.00
C MET A 121 -19.17 -25.74 -24.07
N ALA A 122 -17.87 -25.86 -23.85
CA ALA A 122 -16.87 -25.32 -24.75
C ALA A 122 -16.32 -26.44 -25.63
N ASP A 123 -15.36 -26.08 -26.47
CA ASP A 123 -14.74 -27.01 -27.40
C ASP A 123 -14.24 -28.25 -26.64
N PRO A 124 -14.70 -29.45 -27.00
CA PRO A 124 -14.18 -30.65 -26.33
C PRO A 124 -12.69 -30.91 -26.56
N ALA A 125 -12.07 -30.23 -27.53
CA ALA A 125 -10.63 -30.40 -27.74
C ALA A 125 -9.79 -29.72 -26.67
N ILE A 126 -10.38 -28.88 -25.82
CA ILE A 126 -9.63 -28.18 -24.79
C ILE A 126 -9.32 -29.15 -23.65
N HIS A 127 -8.04 -29.26 -23.29
CA HIS A 127 -7.63 -30.17 -22.23
C HIS A 127 -8.21 -29.72 -20.89
N ARG A 128 -8.80 -30.67 -20.16
CA ARG A 128 -9.49 -30.39 -18.90
C ARG A 128 -8.93 -31.27 -17.79
N ILE A 129 -8.84 -30.70 -16.59
CA ILE A 129 -8.47 -31.43 -15.38
C ILE A 129 -9.58 -31.24 -14.35
N ASN A 130 -10.20 -32.35 -13.95
CA ASN A 130 -11.24 -32.34 -12.91
C ASN A 130 -10.56 -32.38 -11.55
N ALA A 131 -10.46 -31.23 -10.90
CA ALA A 131 -9.70 -31.15 -9.64
C ALA A 131 -10.14 -29.93 -8.86
N ASN A 132 -9.97 -30.02 -7.54
CA ASN A 132 -10.17 -28.88 -6.65
C ASN A 132 -8.97 -27.95 -6.80
N VAL A 133 -9.21 -26.69 -7.16
CA VAL A 133 -8.08 -25.79 -7.37
C VAL A 133 -7.33 -25.52 -6.06
N LYS A 134 -7.94 -25.83 -4.92
CA LYS A 134 -7.23 -25.69 -3.66
C LYS A 134 -6.23 -26.81 -3.42
N HIS A 135 -6.37 -27.94 -4.11
CA HIS A 135 -5.44 -29.06 -3.99
C HIS A 135 -4.43 -29.12 -5.12
N LEU A 136 -4.83 -28.74 -6.33
CA LEU A 136 -3.94 -28.82 -7.49
C LEU A 136 -2.74 -27.89 -7.34
N ARG A 137 -1.53 -28.45 -7.54
CA ARG A 137 -0.36 -27.59 -7.41
C ARG A 137 -0.06 -26.86 -8.72
N PRO A 138 0.55 -25.69 -8.64
CA PRO A 138 0.73 -24.87 -9.83
C PRO A 138 1.86 -25.39 -10.73
N TRP A 139 1.92 -24.80 -11.92
CA TRP A 139 3.06 -24.99 -12.81
C TRP A 139 3.24 -23.67 -13.56
N GLN A 140 4.33 -23.59 -14.33
CA GLN A 140 4.66 -22.33 -14.98
C GLN A 140 3.79 -22.12 -16.22
N VAL A 141 3.19 -20.93 -16.32
CA VAL A 141 2.29 -20.57 -17.42
C VAL A 141 2.64 -19.18 -17.90
N ASP A 142 2.29 -18.91 -19.16
CA ASP A 142 2.37 -17.54 -19.67
C ASP A 142 1.23 -16.69 -19.12
N THR A 143 0.03 -17.27 -19.05
CA THR A 143 -1.18 -16.56 -18.70
C THR A 143 -1.95 -17.36 -17.67
N LEU A 144 -2.35 -16.70 -16.59
CA LEU A 144 -3.13 -17.29 -15.51
C LEU A 144 -4.51 -16.64 -15.49
N LEU A 145 -5.57 -17.45 -15.61
CA LEU A 145 -6.94 -16.98 -15.51
C LEU A 145 -7.60 -17.63 -14.31
N PHE A 146 -8.37 -16.85 -13.56
CA PHE A 146 -9.09 -17.38 -12.40
C PHE A 146 -10.42 -16.66 -12.29
N ASP A 147 -11.50 -17.43 -12.33
CA ASP A 147 -12.85 -16.89 -12.22
C ASP A 147 -13.61 -17.61 -11.12
N GLY A 148 -12.90 -18.04 -10.08
CA GLY A 148 -13.54 -18.65 -8.95
C GLY A 148 -14.12 -17.63 -8.01
N GLY A 149 -14.96 -18.10 -7.10
CA GLY A 149 -15.61 -17.21 -6.16
C GLY A 149 -17.12 -17.39 -6.19
N GLU A 150 -17.75 -17.21 -5.04
CA GLU A 150 -19.19 -17.38 -4.93
C GLU A 150 -19.75 -16.36 -3.96
N ALA A 151 -20.81 -15.67 -4.37
CA ALA A 151 -21.60 -14.87 -3.46
C ALA A 151 -22.54 -15.77 -2.67
N PHE A 152 -22.58 -15.59 -1.35
CA PHE A 152 -23.41 -16.40 -0.47
C PHE A 152 -24.79 -15.76 -0.30
N LYS A 153 -25.78 -16.60 0.03
CA LYS A 153 -27.13 -16.12 0.25
C LYS A 153 -27.24 -15.48 1.65
N ARG A 154 -28.35 -14.74 1.84
CA ARG A 154 -28.51 -13.87 3.00
C ARG A 154 -28.54 -14.63 4.32
N ASP A 155 -29.05 -15.86 4.32
CA ASP A 155 -29.31 -16.53 5.59
C ASP A 155 -28.03 -16.81 6.39
N GLN A 156 -26.86 -16.74 5.76
CA GLN A 156 -25.64 -17.21 6.39
C GLN A 156 -24.86 -16.09 7.05
N ASN A 157 -23.94 -16.50 7.92
CA ASN A 157 -23.07 -15.56 8.63
C ASN A 157 -22.03 -14.99 7.68
N LEU A 158 -21.65 -13.73 7.91
CA LEU A 158 -20.83 -12.99 6.97
C LEU A 158 -19.43 -13.61 6.83
N ARG A 159 -18.84 -14.01 7.97
CA ARG A 159 -17.49 -14.55 7.94
C ARG A 159 -17.39 -15.82 7.11
N LYS A 160 -18.48 -16.58 6.96
CA LYS A 160 -18.43 -17.80 6.15
C LYS A 160 -18.11 -17.48 4.70
N GLU A 161 -18.84 -16.53 4.13
CA GLU A 161 -18.56 -16.09 2.77
C GLU A 161 -17.13 -15.54 2.65
N GLU A 162 -16.73 -14.72 3.63
CA GLU A 162 -15.38 -14.15 3.59
C GLU A 162 -14.31 -15.25 3.60
N ASN A 163 -14.48 -16.27 4.44
CA ASN A 163 -13.49 -17.34 4.57
C ASN A 163 -13.46 -18.22 3.32
N PHE A 164 -14.63 -18.57 2.78
CA PHE A 164 -14.69 -19.35 1.56
C PHE A 164 -13.90 -18.69 0.43
N ASN A 165 -14.17 -17.40 0.20
CA ASN A 165 -13.51 -16.75 -0.93
C ASN A 165 -12.03 -16.48 -0.63
N ASP A 166 -11.68 -16.20 0.64
CA ASP A 166 -10.27 -16.11 1.01
C ASP A 166 -9.53 -17.41 0.69
N SER A 167 -10.17 -18.56 0.93
CA SER A 167 -9.52 -19.84 0.65
C SER A 167 -9.21 -20.00 -0.83
N LEU A 168 -10.16 -19.64 -1.70
CA LEU A 168 -9.85 -19.70 -3.13
C LEU A 168 -8.67 -18.80 -3.50
N LEU A 169 -8.68 -17.56 -2.99
CA LEU A 169 -7.59 -16.63 -3.28
C LEU A 169 -6.24 -17.19 -2.82
N ASP A 170 -6.23 -17.88 -1.68
CA ASP A 170 -5.00 -18.51 -1.22
C ASP A 170 -4.54 -19.59 -2.19
N ALA A 171 -5.47 -20.26 -2.87
CA ALA A 171 -5.07 -21.22 -3.90
C ALA A 171 -4.38 -20.50 -5.07
N VAL A 172 -4.91 -19.35 -5.49
CA VAL A 172 -4.28 -18.60 -6.58
C VAL A 172 -2.89 -18.11 -6.19
N ASP A 173 -2.69 -17.84 -4.90
CA ASP A 173 -1.41 -17.30 -4.44
C ASP A 173 -0.23 -18.17 -4.88
N ALA A 174 -0.38 -19.49 -4.82
CA ALA A 174 0.73 -20.38 -5.18
C ALA A 174 1.13 -20.22 -6.64
N TRP A 175 0.15 -19.99 -7.52
CA TRP A 175 0.47 -19.74 -8.93
C TRP A 175 1.19 -18.41 -9.09
N MET A 176 0.80 -17.40 -8.30
CA MET A 176 1.41 -16.09 -8.47
C MET A 176 2.82 -16.00 -7.88
N MET A 177 3.12 -16.76 -6.83
CA MET A 177 4.37 -16.64 -6.09
C MET A 177 5.42 -17.67 -6.50
N GLN A 178 5.16 -18.49 -7.52
CA GLN A 178 6.13 -19.46 -7.99
C GLN A 178 7.32 -18.74 -8.62
N PRO A 179 8.45 -19.44 -8.85
CA PRO A 179 9.68 -18.71 -9.24
C PRO A 179 9.53 -17.90 -10.51
N VAL A 180 8.81 -18.39 -11.52
CA VAL A 180 8.53 -17.64 -12.72
C VAL A 180 7.02 -17.41 -12.79
N PRO A 181 6.55 -16.23 -12.39
CA PRO A 181 5.10 -15.99 -12.29
C PRO A 181 4.47 -15.80 -13.66
N PRO A 182 3.14 -15.85 -13.75
CA PRO A 182 2.47 -15.57 -15.02
C PRO A 182 2.78 -14.17 -15.52
N ARG A 183 3.06 -14.06 -16.82
CA ARG A 183 3.24 -12.74 -17.43
C ARG A 183 1.91 -12.00 -17.52
N ASN A 184 0.86 -12.68 -17.96
CA ASN A 184 -0.49 -12.12 -17.99
C ASN A 184 -1.35 -12.76 -16.91
N PHE A 185 -2.23 -11.97 -16.28
CA PHE A 185 -3.17 -12.60 -15.37
C PHE A 185 -4.49 -11.82 -15.30
N VAL A 186 -5.57 -12.58 -15.10
CA VAL A 186 -6.92 -12.07 -14.85
C VAL A 186 -7.43 -12.84 -13.65
N ILE A 187 -7.57 -12.16 -12.51
CA ILE A 187 -7.94 -12.84 -11.26
C ILE A 187 -9.21 -12.20 -10.72
N LYS A 188 -10.31 -12.96 -10.69
CA LYS A 188 -11.54 -12.47 -10.09
C LYS A 188 -11.38 -12.39 -8.57
N ILE A 189 -11.75 -11.25 -7.99
CA ILE A 189 -11.73 -11.04 -6.55
C ILE A 189 -13.17 -10.88 -6.10
N GLN A 190 -13.78 -11.97 -5.64
CA GLN A 190 -15.19 -11.93 -5.25
C GLN A 190 -15.42 -11.02 -4.06
N VAL A 191 -14.55 -11.06 -3.06
CA VAL A 191 -14.71 -10.29 -1.83
C VAL A 191 -13.41 -9.53 -1.59
N PRO A 192 -13.26 -8.32 -2.11
CA PRO A 192 -11.95 -7.66 -2.14
C PRO A 192 -11.59 -6.88 -0.89
N TYR A 193 -12.47 -6.82 0.11
CA TYR A 193 -12.24 -6.00 1.29
C TYR A 193 -11.82 -6.79 2.51
N THR A 194 -11.64 -8.11 2.41
CA THR A 194 -11.07 -8.83 3.53
C THR A 194 -9.61 -8.45 3.71
N GLN A 195 -9.10 -8.67 4.93
CA GLN A 195 -7.68 -8.39 5.19
C GLN A 195 -6.80 -9.26 4.30
N LYS A 196 -7.16 -10.53 4.16
CA LYS A 196 -6.36 -11.45 3.35
C LYS A 196 -6.36 -11.05 1.88
N ALA A 197 -7.52 -10.67 1.33
CA ALA A 197 -7.57 -10.30 -0.09
C ALA A 197 -6.65 -9.10 -0.36
N ILE A 198 -6.74 -8.07 0.48
CA ILE A 198 -5.91 -6.88 0.27
C ILE A 198 -4.43 -7.22 0.43
N ALA A 199 -4.08 -8.00 1.46
CA ALA A 199 -2.67 -8.39 1.63
C ALA A 199 -2.16 -9.20 0.45
N LEU A 200 -3.01 -10.08 -0.10
CA LEU A 200 -2.63 -10.90 -1.24
C LEU A 200 -2.36 -10.03 -2.46
N LEU A 201 -3.27 -9.08 -2.73
CA LEU A 201 -3.10 -8.20 -3.89
C LEU A 201 -1.84 -7.35 -3.75
N GLU A 202 -1.59 -6.78 -2.57
CA GLU A 202 -0.37 -6.00 -2.37
C GLU A 202 0.87 -6.87 -2.60
N LYS A 203 0.82 -8.11 -2.10
CA LYS A 203 1.95 -9.02 -2.26
C LYS A 203 2.20 -9.36 -3.72
N TRP A 204 1.14 -9.62 -4.48
CA TRP A 204 1.28 -9.93 -5.90
C TRP A 204 1.83 -8.73 -6.66
N GLN A 205 1.46 -7.52 -6.25
CA GLN A 205 2.06 -6.35 -6.90
C GLN A 205 3.56 -6.28 -6.65
N VAL A 206 4.02 -6.62 -5.43
CA VAL A 206 5.46 -6.66 -5.18
C VAL A 206 6.12 -7.77 -6.01
N LYS A 207 5.52 -8.96 -6.00
CA LYS A 207 6.09 -10.10 -6.74
C LYS A 207 6.22 -9.79 -8.23
N THR A 208 5.17 -9.28 -8.86
CA THR A 208 5.16 -9.16 -10.32
C THR A 208 5.54 -7.79 -10.83
N GLY A 209 5.50 -6.77 -9.98
CA GLY A 209 5.71 -5.41 -10.45
C GLY A 209 4.56 -4.86 -11.27
N LYS A 210 3.41 -5.52 -11.27
CA LYS A 210 2.27 -5.15 -12.10
C LYS A 210 0.98 -5.28 -11.30
N GLY A 211 -0.10 -4.81 -11.90
CA GLY A 211 -1.40 -5.21 -11.37
C GLY A 211 -2.27 -4.03 -10.98
N ARG A 212 -3.50 -4.06 -11.49
CA ARG A 212 -4.49 -3.06 -11.16
C ARG A 212 -5.82 -3.75 -10.88
N LEU A 213 -6.52 -3.30 -9.84
CA LEU A 213 -7.81 -3.84 -9.45
C LEU A 213 -8.90 -2.96 -10.06
N VAL A 214 -9.82 -3.56 -10.84
CA VAL A 214 -10.87 -2.79 -11.50
C VAL A 214 -12.24 -3.30 -11.10
N ARG A 215 -13.21 -2.37 -11.11
CA ARG A 215 -14.63 -2.70 -11.03
C ARG A 215 -15.24 -2.43 -12.39
N LEU A 216 -15.80 -3.48 -12.98
CA LEU A 216 -16.37 -3.40 -14.32
C LEU A 216 -17.72 -2.71 -14.27
N ALA A 217 -17.90 -1.69 -15.11
CA ALA A 217 -19.18 -1.00 -15.16
C ALA A 217 -20.26 -1.96 -15.62
N GLY A 218 -21.44 -1.85 -15.03
CA GLY A 218 -22.52 -2.73 -15.40
C GLY A 218 -22.50 -4.10 -14.76
N ASP A 219 -21.49 -4.44 -13.97
CA ASP A 219 -21.60 -5.63 -13.14
C ASP A 219 -22.75 -5.45 -12.16
N ARG A 220 -23.35 -6.57 -11.75
CA ARG A 220 -24.47 -6.52 -10.81
C ARG A 220 -24.09 -5.84 -9.50
N LEU A 221 -24.98 -4.96 -9.03
CA LEU A 221 -24.77 -4.31 -7.74
C LEU A 221 -24.91 -5.26 -6.57
N SER A 222 -25.53 -6.42 -6.78
CA SER A 222 -25.72 -7.41 -5.73
C SER A 222 -24.43 -8.13 -5.36
N ASN A 223 -23.33 -7.87 -6.04
CA ASN A 223 -22.08 -8.51 -5.67
C ASN A 223 -21.00 -7.45 -5.50
N THR A 224 -19.84 -7.91 -5.08
CA THR A 224 -18.75 -7.04 -4.72
C THR A 224 -17.51 -7.36 -5.56
N VAL A 225 -17.75 -7.90 -6.76
CA VAL A 225 -16.70 -8.48 -7.60
C VAL A 225 -15.82 -7.39 -8.19
N MET A 226 -14.50 -7.60 -8.12
CA MET A 226 -13.51 -6.83 -8.86
C MET A 226 -12.60 -7.79 -9.60
N TYR A 227 -11.79 -7.26 -10.52
CA TYR A 227 -10.83 -8.08 -11.27
C TYR A 227 -9.44 -7.48 -11.14
N PHE A 228 -8.47 -8.32 -10.84
CA PHE A 228 -7.06 -7.92 -10.73
C PHE A 228 -6.35 -8.32 -12.03
N LEU A 229 -5.86 -7.31 -12.75
CA LEU A 229 -5.38 -7.45 -14.12
C LEU A 229 -3.91 -7.06 -14.21
N SER A 230 -3.15 -7.82 -15.02
CA SER A 230 -1.73 -7.58 -15.21
C SER A 230 -1.47 -6.37 -16.11
N VAL A 231 -2.14 -5.25 -15.86
CA VAL A 231 -1.78 -4.00 -16.53
C VAL A 231 -0.80 -3.26 -15.64
N ARG A 232 -0.44 -2.03 -16.01
CA ARG A 232 0.53 -1.27 -15.24
C ARG A 232 0.11 -1.15 -13.79
N LEU A 233 1.09 -1.29 -12.90
CA LEU A 233 0.94 -1.15 -11.46
C LEU A 233 0.01 0.01 -11.11
N GLU A 234 -1.02 -0.28 -10.32
CA GLU A 234 -1.83 0.77 -9.69
C GLU A 234 -1.94 0.43 -8.21
N THR A 235 -1.26 1.21 -7.36
CA THR A 235 -1.07 0.85 -5.97
C THR A 235 -2.18 1.43 -5.10
N GLN A 236 -1.95 1.47 -3.77
CA GLN A 236 -2.95 1.96 -2.81
C GLN A 236 -4.24 1.18 -2.92
N ILE A 237 -4.11 -0.15 -2.94
CA ILE A 237 -5.28 -0.99 -3.18
C ILE A 237 -6.28 -0.86 -2.05
N ARG A 238 -5.80 -0.76 -0.80
CA ARG A 238 -6.72 -0.65 0.33
C ARG A 238 -7.66 0.54 0.19
N GLY A 239 -7.12 1.71 -0.13
CA GLY A 239 -7.96 2.90 -0.28
C GLY A 239 -8.87 2.84 -1.50
N ARG A 240 -8.43 2.18 -2.56
CA ARG A 240 -9.29 2.05 -3.74
C ARG A 240 -10.42 1.07 -3.49
N VAL A 241 -10.18 0.01 -2.70
CA VAL A 241 -11.28 -0.86 -2.30
C VAL A 241 -12.24 -0.09 -1.39
N THR A 242 -11.71 0.71 -0.46
CA THR A 242 -12.58 1.53 0.36
C THR A 242 -13.48 2.41 -0.50
N THR A 243 -12.90 3.10 -1.49
CA THR A 243 -13.71 3.90 -2.41
C THR A 243 -14.76 3.04 -3.11
N PHE A 244 -14.35 1.85 -3.55
CA PHE A 244 -15.29 0.97 -4.25
C PHE A 244 -16.47 0.60 -3.36
N VAL A 245 -16.22 0.16 -2.12
CA VAL A 245 -17.33 -0.30 -1.29
C VAL A 245 -18.22 0.86 -0.84
N ARG A 246 -17.64 2.04 -0.58
CA ARG A 246 -18.48 3.19 -0.24
C ARG A 246 -19.39 3.56 -1.39
N GLU A 247 -18.82 3.64 -2.60
CA GLU A 247 -19.60 3.99 -3.78
C GLU A 247 -20.65 2.92 -4.09
N LEU A 248 -20.29 1.64 -3.90
CA LEU A 248 -21.26 0.56 -4.14
C LEU A 248 -22.43 0.69 -3.21
N ALA A 249 -22.18 0.94 -1.92
CA ALA A 249 -23.29 1.10 -0.98
C ALA A 249 -24.17 2.27 -1.41
N GLU A 250 -23.56 3.36 -1.87
CA GLU A 250 -24.37 4.50 -2.32
C GLU A 250 -25.21 4.14 -3.54
N ARG A 251 -24.65 3.40 -4.50
CA ARG A 251 -25.43 3.05 -5.69
C ARG A 251 -26.51 2.00 -5.38
N ARG A 252 -26.27 1.13 -4.40
CA ARG A 252 -27.32 0.22 -3.93
C ARG A 252 -28.47 1.01 -3.34
N LYS A 253 -28.15 1.97 -2.47
CA LYS A 253 -29.14 2.87 -1.91
C LYS A 253 -29.94 3.57 -3.00
N ASP A 254 -29.23 4.17 -3.97
CA ASP A 254 -29.89 4.88 -5.07
C ASP A 254 -30.86 3.98 -5.81
N ARG A 255 -30.47 2.73 -6.08
CA ARG A 255 -31.30 1.82 -6.87
C ARG A 255 -32.48 1.25 -6.09
N SER A 256 -32.32 1.01 -4.80
CA SER A 256 -33.32 0.28 -4.04
C SER A 256 -34.49 1.15 -3.61
N LEU A 257 -34.43 2.45 -3.89
CA LEU A 257 -35.24 3.47 -3.24
C LEU A 257 -36.25 4.08 -4.22
N THR A 258 -37.41 4.50 -3.69
CA THR A 258 -38.36 5.43 -4.34
C THR A 258 -38.02 5.90 -5.75
N PRO B 2 18.57 14.53 -23.54
CA PRO B 2 19.46 14.67 -22.38
C PRO B 2 18.70 15.03 -21.11
N LEU B 3 19.01 14.34 -20.02
CA LEU B 3 18.25 14.56 -18.78
C LEU B 3 18.43 15.98 -18.25
N GLY B 4 19.60 16.59 -18.48
CA GLY B 4 19.82 17.98 -18.08
C GLY B 4 19.96 18.16 -16.57
N SER B 5 19.66 19.39 -16.14
CA SER B 5 19.83 19.74 -14.73
C SER B 5 18.96 18.89 -13.82
N GLU B 6 17.94 18.24 -14.36
CA GLU B 6 17.12 17.31 -13.60
C GLU B 6 17.96 16.25 -12.89
N VAL B 7 19.13 15.90 -13.46
CA VAL B 7 19.93 14.86 -12.81
C VAL B 7 20.42 15.30 -11.43
N TYR B 8 20.55 16.60 -11.17
CA TYR B 8 20.95 17.04 -9.84
C TYR B 8 19.86 16.83 -8.80
N LYS B 9 18.67 16.40 -9.21
CA LYS B 9 17.59 16.09 -8.27
C LYS B 9 17.59 14.63 -7.85
N GLY B 10 18.53 13.83 -8.34
CA GLY B 10 18.55 12.42 -7.99
C GLY B 10 18.88 12.20 -6.53
N ASP B 11 18.59 10.98 -6.06
CA ASP B 11 18.86 10.65 -4.67
C ASP B 11 20.34 10.73 -4.36
N GLY B 12 21.18 10.32 -5.31
CA GLY B 12 22.62 10.33 -5.15
C GLY B 12 23.05 9.76 -3.82
N TYR B 13 23.78 10.54 -3.05
CA TYR B 13 24.27 10.17 -1.74
C TYR B 13 23.28 10.45 -0.62
N LYS B 14 22.13 11.07 -0.92
CA LYS B 14 21.31 11.63 0.16
C LYS B 14 20.55 10.55 0.91
N VAL B 15 19.98 9.57 0.20
CA VAL B 15 19.05 8.61 0.78
C VAL B 15 19.31 7.24 0.19
N TRP B 16 18.93 6.21 0.94
CA TRP B 16 18.97 4.85 0.44
C TRP B 16 17.97 4.65 -0.68
N LYS B 17 18.35 3.85 -1.65
CA LYS B 17 17.43 3.32 -2.64
C LYS B 17 16.62 2.20 -2.00
N LEU B 18 15.29 2.34 -2.00
CA LEU B 18 14.42 1.36 -1.35
C LEU B 18 13.30 0.98 -2.31
N GLU B 19 13.49 -0.16 -3.07
CA GLU B 19 12.41 -0.78 -3.81
C GLU B 19 11.63 -1.72 -2.89
N PRO B 20 10.33 -1.90 -3.10
CA PRO B 20 9.56 -2.77 -2.20
C PRO B 20 9.96 -4.23 -2.36
N SER B 21 9.96 -4.95 -1.25
CA SER B 21 10.25 -6.38 -1.27
C SER B 21 9.26 -7.12 -0.38
N LEU B 22 9.26 -8.45 -0.53
CA LEU B 22 8.37 -9.32 0.22
C LEU B 22 8.86 -9.52 1.65
N GLY B 23 7.92 -9.64 2.58
CA GLY B 23 8.27 -9.95 3.95
C GLY B 23 7.43 -9.20 4.96
N ASP B 24 7.60 -9.54 6.23
CA ASP B 24 6.84 -8.90 7.30
C ASP B 24 7.74 -7.91 8.01
N PRO B 25 7.51 -6.59 7.90
CA PRO B 25 8.45 -5.64 8.50
C PRO B 25 8.45 -5.66 10.02
N LEU B 26 7.31 -5.97 10.65
CA LEU B 26 7.31 -6.03 12.11
C LEU B 26 8.21 -7.16 12.62
N GLU B 27 8.07 -8.35 12.04
CA GLU B 27 8.90 -9.46 12.45
C GLU B 27 10.38 -9.18 12.18
N LEU B 28 10.69 -8.64 11.00
CA LEU B 28 12.09 -8.36 10.66
C LEU B 28 12.67 -7.28 11.58
N GLY B 29 11.88 -6.25 11.89
CA GLY B 29 12.36 -5.19 12.75
C GLY B 29 12.61 -5.68 14.15
N ARG B 30 11.68 -6.46 14.70
CA ARG B 30 11.92 -7.05 16.01
C ARG B 30 13.14 -7.96 16.00
N LYS B 31 13.33 -8.73 14.93
CA LYS B 31 14.49 -9.62 14.87
C LYS B 31 15.78 -8.83 14.95
N THR B 32 15.89 -7.77 14.14
CA THR B 32 17.15 -7.05 14.17
C THR B 32 17.33 -6.23 15.45
N LYS B 33 16.24 -5.77 16.05
CA LYS B 33 16.36 -5.11 17.33
C LYS B 33 16.85 -6.07 18.41
N THR B 34 16.32 -7.30 18.42
CA THR B 34 16.79 -8.31 19.37
C THR B 34 18.28 -8.55 19.18
N GLU B 35 18.71 -8.75 17.94
CA GLU B 35 20.12 -8.98 17.65
C GLU B 35 20.99 -7.82 18.13
N MET B 36 20.57 -6.58 17.85
CA MET B 36 21.36 -5.43 18.30
C MET B 36 21.44 -5.35 19.82
N ASN B 37 20.32 -5.65 20.50
CA ASN B 37 20.33 -5.70 21.96
C ASN B 37 21.38 -6.68 22.48
N ALA B 38 21.57 -7.80 21.78
CA ALA B 38 22.54 -8.80 22.23
C ALA B 38 24.00 -8.48 21.87
N MET B 39 24.28 -7.43 21.10
CA MET B 39 25.65 -7.22 20.63
C MET B 39 26.59 -6.87 21.76
N THR B 40 27.83 -7.36 21.66
CA THR B 40 28.88 -6.98 22.61
C THR B 40 29.18 -5.48 22.52
N HIS B 41 29.87 -4.97 23.53
CA HIS B 41 30.23 -3.55 23.54
C HIS B 41 31.00 -3.18 22.28
N ASP B 42 31.95 -4.04 21.89
CA ASP B 42 32.76 -3.83 20.70
C ASP B 42 31.90 -3.86 19.42
N GLU B 43 31.07 -4.91 19.27
CA GLU B 43 30.18 -5.02 18.11
C GLU B 43 29.29 -3.77 17.97
N PHE B 44 28.64 -3.38 19.06
CA PHE B 44 27.74 -2.24 19.03
C PHE B 44 28.49 -0.96 18.70
N ASP B 45 29.64 -0.74 19.34
CA ASP B 45 30.41 0.47 19.08
C ASP B 45 30.80 0.56 17.60
N ARG B 46 31.37 -0.52 17.05
CA ARG B 46 31.72 -0.55 15.64
C ARG B 46 30.54 -0.15 14.78
N MET B 47 29.36 -0.66 15.14
CA MET B 47 28.26 -0.50 14.21
C MET B 47 27.60 0.86 14.36
N LYS B 48 27.76 1.54 15.50
CA LYS B 48 27.14 2.85 15.70
C LYS B 48 27.87 3.99 14.98
N TYR B 49 29.10 3.74 14.49
CA TYR B 49 29.80 4.56 13.48
C TYR B 49 31.20 4.01 13.30
N GLY B 59 30.07 21.95 15.53
CA GLY B 59 29.32 22.53 16.64
C GLY B 59 28.94 23.97 16.39
N ASP B 60 29.17 24.42 15.15
CA ASP B 60 28.76 25.75 14.72
C ASP B 60 27.29 26.00 15.00
N LYS B 61 26.45 25.03 14.72
CA LYS B 61 24.99 25.05 14.72
C LYS B 61 24.43 24.52 16.03
N PRO B 62 23.15 24.77 16.33
CA PRO B 62 22.61 24.33 17.63
C PRO B 62 22.65 22.83 17.85
N SER B 63 22.70 22.03 16.78
CA SER B 63 22.69 20.58 16.89
C SER B 63 23.07 19.99 15.53
N LYS B 64 23.18 18.66 15.49
CA LYS B 64 23.40 17.99 14.21
C LYS B 64 22.14 18.02 13.34
N GLY B 65 20.96 18.13 13.97
CA GLY B 65 19.71 18.12 13.22
C GLY B 65 19.67 19.16 12.12
N TYR B 66 20.30 20.32 12.36
CA TYR B 66 20.40 21.36 11.34
C TYR B 66 20.77 20.76 9.99
N ASP B 67 21.95 20.13 9.93
CA ASP B 67 22.43 19.63 8.67
C ASP B 67 21.47 18.59 8.11
N LYS B 68 20.92 17.76 9.00
CA LYS B 68 19.94 16.76 8.61
C LYS B 68 18.79 17.39 7.84
N LEU B 69 18.16 18.40 8.44
CA LEU B 69 16.99 18.98 7.78
C LEU B 69 17.39 19.62 6.46
N ARG B 70 18.61 20.16 6.39
CA ARG B 70 19.04 20.80 5.15
C ARG B 70 19.09 19.78 4.02
N VAL B 71 19.55 18.56 4.32
CA VAL B 71 19.52 17.51 3.31
C VAL B 71 18.08 17.20 2.91
N LEU B 72 17.20 17.04 3.91
CA LEU B 72 15.82 16.65 3.61
C LEU B 72 15.14 17.71 2.77
N LEU B 73 15.25 18.98 3.17
CA LEU B 73 14.65 20.05 2.39
C LEU B 73 15.24 20.15 0.99
N ASP B 74 16.52 19.79 0.82
CA ASP B 74 17.06 19.83 -0.54
C ASP B 74 16.45 18.74 -1.39
N LEU B 75 16.19 17.59 -0.78
CA LEU B 75 15.49 16.52 -1.50
C LEU B 75 14.09 16.96 -1.88
N MET B 76 13.50 17.85 -1.09
CA MET B 76 12.17 18.40 -1.33
C MET B 76 12.17 19.55 -2.32
N ASP B 77 13.30 19.79 -2.98
CA ASP B 77 13.45 20.85 -3.97
C ASP B 77 13.32 22.23 -3.35
N ARG B 78 13.83 22.37 -2.13
CA ARG B 78 14.01 23.68 -1.49
C ARG B 78 12.73 24.50 -1.43
N PRO B 79 11.65 23.96 -0.87
CA PRO B 79 10.38 24.68 -0.91
C PRO B 79 10.41 25.91 -0.02
N ARG B 80 9.55 26.87 -0.35
CA ARG B 80 9.29 27.96 0.58
C ARG B 80 8.43 27.42 1.73
N LEU B 81 8.82 27.78 2.96
CA LEU B 81 8.24 27.15 4.14
C LEU B 81 7.09 27.93 4.75
N GLY B 82 7.18 29.25 4.80
CA GLY B 82 6.10 30.06 5.36
C GLY B 82 5.91 29.79 6.84
N THR B 83 4.64 29.83 7.27
CA THR B 83 4.31 29.59 8.66
C THR B 83 4.58 28.13 9.03
N THR B 84 5.46 27.94 10.01
CA THR B 84 6.05 26.65 10.30
C THR B 84 5.90 26.34 11.78
N VAL B 85 5.48 25.13 12.10
CA VAL B 85 5.53 24.60 13.46
C VAL B 85 6.57 23.50 13.50
N ASP B 86 7.45 23.55 14.50
CA ASP B 86 8.53 22.60 14.70
C ASP B 86 8.19 21.83 15.98
N LEU B 87 7.67 20.61 15.80
CA LEU B 87 7.20 19.78 16.90
C LEU B 87 8.34 18.93 17.44
N CYS B 88 8.54 19.00 18.76
CA CYS B 88 9.67 18.36 19.46
C CYS B 88 10.97 19.03 19.03
N ALA B 89 11.09 20.33 19.30
CA ALA B 89 12.16 21.15 18.74
C ALA B 89 13.50 20.98 19.43
N GLY B 90 13.54 20.48 20.67
CA GLY B 90 14.80 20.25 21.34
C GLY B 90 15.65 21.52 21.44
N ARG B 91 16.92 21.40 21.05
CA ARG B 91 17.86 22.52 21.05
C ARG B 91 17.62 23.51 19.92
N GLY B 92 16.83 23.15 18.91
CA GLY B 92 16.44 24.07 17.87
C GLY B 92 17.25 24.02 16.59
N GLY B 93 17.93 22.90 16.29
CA GLY B 93 18.65 22.81 15.03
C GLY B 93 17.75 23.05 13.83
N TRP B 94 16.57 22.42 13.83
CA TRP B 94 15.63 22.55 12.72
C TRP B 94 15.07 23.97 12.65
N SER B 95 14.56 24.48 13.78
CA SER B 95 14.05 25.84 13.82
C SER B 95 15.12 26.85 13.41
N GLU B 96 16.38 26.60 13.78
CA GLU B 96 17.45 27.50 13.37
C GLU B 96 17.66 27.48 11.87
N LEU B 97 17.55 26.30 11.24
CA LEU B 97 17.65 26.26 9.78
C LEU B 97 16.52 27.06 9.13
N VAL B 98 15.29 26.86 9.60
CA VAL B 98 14.18 27.63 9.04
C VAL B 98 14.42 29.12 9.21
N LYS B 99 14.93 29.53 10.37
CA LYS B 99 15.23 30.94 10.59
C LYS B 99 16.26 31.45 9.59
N ASP B 100 17.35 30.69 9.39
CA ASP B 100 18.34 31.10 8.39
C ASP B 100 17.71 31.26 7.02
N LEU B 101 16.80 30.35 6.67
CA LEU B 101 16.19 30.39 5.34
C LEU B 101 15.26 31.59 5.17
N GLU B 102 14.43 31.88 6.17
CA GLU B 102 13.32 32.80 5.93
C GLU B 102 13.08 33.78 7.07
N GLY B 103 13.96 33.87 8.06
CA GLY B 103 13.76 34.78 9.16
C GLY B 103 12.98 34.11 10.29
N PRO B 104 13.00 34.71 11.48
CA PRO B 104 12.43 34.02 12.64
C PRO B 104 10.92 34.11 12.77
N LYS B 105 10.26 35.02 12.05
CA LYS B 105 8.89 35.43 12.37
C LYS B 105 7.88 34.29 12.20
N GLY B 106 8.08 33.42 11.22
CA GLY B 106 7.08 32.41 10.91
C GLY B 106 7.16 31.11 11.67
N ILE B 107 8.08 31.00 12.64
CA ILE B 107 8.39 29.73 13.30
C ILE B 107 7.72 29.70 14.67
N THR B 108 7.14 28.56 15.02
CA THR B 108 6.77 28.25 16.39
C THR B 108 7.40 26.91 16.73
N ALA B 109 8.23 26.89 17.77
CA ALA B 109 8.91 25.68 18.21
C ALA B 109 8.25 25.16 19.48
N VAL B 110 7.93 23.86 19.50
CA VAL B 110 7.27 23.21 20.63
C VAL B 110 8.19 22.10 21.15
N SER B 111 8.51 22.15 22.44
CA SER B 111 9.32 21.10 23.05
C SER B 111 9.11 21.14 24.55
N LEU B 112 9.60 20.09 25.22
CA LEU B 112 9.65 20.03 26.67
C LEU B 112 11.07 20.36 27.11
N TRP B 113 11.24 21.53 27.73
CA TRP B 113 12.54 22.00 28.20
C TRP B 113 12.59 22.01 29.72
N GLU B 114 13.73 21.61 30.28
CA GLU B 114 13.94 21.59 31.72
C GLU B 114 15.32 22.12 32.07
N GLU B 118 17.60 20.34 29.56
CA GLU B 118 18.21 20.44 28.24
C GLU B 118 17.66 21.67 27.50
N GLU B 119 18.58 22.44 26.91
CA GLU B 119 18.40 23.88 26.73
C GLU B 119 18.23 24.26 25.27
N TRP B 120 17.66 25.45 25.06
CA TRP B 120 17.49 26.03 23.72
C TRP B 120 18.82 26.62 23.25
N MET B 121 19.36 26.09 22.15
CA MET B 121 20.64 26.54 21.63
C MET B 121 20.49 27.38 20.36
N ALA B 122 19.26 27.71 19.96
CA ALA B 122 19.02 28.43 18.72
C ALA B 122 18.68 29.90 18.99
N ASP B 123 18.29 30.60 17.91
CA ASP B 123 18.03 32.02 17.97
C ASP B 123 16.93 32.34 19.00
N PRO B 124 17.23 33.24 19.95
CA PRO B 124 16.25 33.75 20.92
C PRO B 124 14.96 34.29 20.36
N ALA B 125 15.02 34.90 19.18
CA ALA B 125 13.85 35.55 18.62
C ALA B 125 12.79 34.54 18.19
N ILE B 126 13.13 33.26 18.12
CA ILE B 126 12.18 32.24 17.69
C ILE B 126 11.18 31.98 18.80
N HIS B 127 9.89 32.08 18.45
CA HIS B 127 8.82 31.86 19.42
C HIS B 127 8.79 30.39 19.85
N ARG B 128 8.67 30.17 21.17
CA ARG B 128 8.73 28.82 21.72
C ARG B 128 7.55 28.56 22.65
N ILE B 129 7.12 27.30 22.69
CA ILE B 129 6.02 26.83 23.53
C ILE B 129 6.53 25.62 24.31
N ASN B 130 6.65 25.77 25.63
CA ASN B 130 7.12 24.68 26.48
C ASN B 130 5.92 23.80 26.80
N ALA B 131 5.73 22.74 26.02
CA ALA B 131 4.56 21.91 26.18
C ALA B 131 4.82 20.52 25.64
N ASN B 132 4.04 19.56 26.12
CA ASN B 132 4.01 18.23 25.52
C ASN B 132 3.26 18.32 24.20
N VAL B 133 3.84 17.77 23.13
CA VAL B 133 3.18 17.89 21.82
C VAL B 133 1.86 17.14 21.79
N LYS B 134 1.68 16.15 22.68
CA LYS B 134 0.40 15.45 22.73
C LYS B 134 -0.70 16.32 23.33
N HIS B 135 -0.35 17.39 24.04
CA HIS B 135 -1.36 18.19 24.70
C HIS B 135 -1.86 19.36 23.86
N LEU B 136 -1.20 19.66 22.74
CA LEU B 136 -1.54 20.82 21.94
C LEU B 136 -2.62 20.46 20.93
N ARG B 137 -3.66 21.28 20.87
CA ARG B 137 -4.59 21.20 19.77
C ARG B 137 -3.89 21.67 18.49
N PRO B 138 -4.08 20.96 17.38
CA PRO B 138 -3.42 21.38 16.14
C PRO B 138 -3.99 22.68 15.58
N TRP B 139 -3.23 23.30 14.69
CA TRP B 139 -3.71 24.46 13.94
C TRP B 139 -3.10 24.43 12.55
N GLN B 140 -3.63 25.29 11.69
CA GLN B 140 -3.28 25.28 10.28
C GLN B 140 -1.92 25.94 10.07
N VAL B 141 -1.03 25.24 9.36
CA VAL B 141 0.31 25.74 9.10
C VAL B 141 0.64 25.48 7.64
N ASP B 142 1.59 26.27 7.12
CA ASP B 142 2.15 25.99 5.81
C ASP B 142 3.08 24.78 5.87
N THR B 143 3.89 24.68 6.92
CA THR B 143 4.90 23.65 7.04
C THR B 143 4.85 23.03 8.43
N LEU B 144 4.77 21.69 8.45
CA LEU B 144 4.81 20.91 9.68
C LEU B 144 6.12 20.16 9.76
N LEU B 145 6.88 20.39 10.83
CA LEU B 145 8.07 19.62 11.12
C LEU B 145 7.86 18.84 12.39
N PHE B 146 8.34 17.59 12.41
CA PHE B 146 8.27 16.76 13.62
C PHE B 146 9.52 15.92 13.71
N ASP B 147 10.24 16.02 14.83
CA ASP B 147 11.48 15.28 15.02
C ASP B 147 11.49 14.57 16.36
N GLY B 148 10.31 14.22 16.87
CA GLY B 148 10.24 13.46 18.11
C GLY B 148 10.50 11.97 17.87
N GLY B 149 10.59 11.24 18.97
CA GLY B 149 10.92 9.83 18.89
C GLY B 149 12.12 9.51 19.77
N GLU B 150 12.10 8.35 20.41
CA GLU B 150 13.18 7.95 21.31
C GLU B 150 13.50 6.48 21.11
N ALA B 151 14.79 6.16 21.12
CA ALA B 151 15.23 4.78 21.23
C ALA B 151 15.28 4.36 22.70
N PHE B 152 14.91 3.12 22.97
CA PHE B 152 14.92 2.59 24.32
C PHE B 152 16.17 1.74 24.54
N LYS B 153 16.58 1.64 25.80
CA LYS B 153 17.79 0.88 26.13
C LYS B 153 17.57 -0.61 25.93
N ARG B 154 18.70 -1.34 25.88
CA ARG B 154 18.72 -2.73 25.43
C ARG B 154 18.01 -3.70 26.39
N ASP B 155 17.66 -3.27 27.60
CA ASP B 155 16.99 -4.16 28.54
C ASP B 155 15.46 -4.09 28.47
N GLN B 156 14.91 -3.18 27.68
CA GLN B 156 13.48 -2.95 27.68
C GLN B 156 12.75 -3.91 26.74
N ASN B 157 11.53 -4.28 27.12
CA ASN B 157 10.66 -5.04 26.23
C ASN B 157 10.47 -4.29 24.91
N LEU B 158 10.48 -5.04 23.79
CA LEU B 158 10.45 -4.40 22.47
C LEU B 158 9.16 -3.63 22.26
N ARG B 159 8.05 -4.19 22.75
CA ARG B 159 6.75 -3.52 22.61
C ARG B 159 6.73 -2.17 23.32
N LYS B 160 7.62 -1.95 24.29
CA LYS B 160 7.61 -0.66 24.99
C LYS B 160 8.05 0.47 24.07
N GLU B 161 9.19 0.27 23.39
CA GLU B 161 9.65 1.24 22.42
C GLU B 161 8.63 1.44 21.31
N GLU B 162 8.07 0.33 20.81
CA GLU B 162 7.10 0.45 19.73
C GLU B 162 5.89 1.29 20.16
N ASN B 163 5.36 1.01 21.35
CA ASN B 163 4.17 1.71 21.83
C ASN B 163 4.45 3.19 22.07
N PHE B 164 5.60 3.51 22.67
CA PHE B 164 5.93 4.91 22.96
C PHE B 164 5.99 5.73 21.66
N ASN B 165 6.68 5.19 20.66
CA ASN B 165 6.81 5.97 19.43
C ASN B 165 5.51 6.00 18.62
N ASP B 166 4.72 4.93 18.67
CA ASP B 166 3.39 4.96 18.06
C ASP B 166 2.54 6.07 18.67
N SER B 167 2.56 6.24 20.00
CA SER B 167 1.76 7.29 20.63
C SER B 167 2.19 8.68 20.15
N LEU B 168 3.50 8.92 20.07
CA LEU B 168 3.96 10.21 19.54
C LEU B 168 3.47 10.46 18.11
N LEU B 169 3.67 9.46 17.23
CA LEU B 169 3.16 9.56 15.86
C LEU B 169 1.67 9.88 15.85
N ASP B 170 0.94 9.28 16.79
CA ASP B 170 -0.48 9.55 16.92
C ASP B 170 -0.74 11.02 17.13
N ALA B 171 0.12 11.68 17.91
CA ALA B 171 -0.06 13.12 18.08
C ALA B 171 0.12 13.85 16.75
N VAL B 172 1.09 13.43 15.93
CA VAL B 172 1.22 14.08 14.61
C VAL B 172 -0.05 13.92 13.75
N ASP B 173 -0.75 12.79 13.91
CA ASP B 173 -1.91 12.48 13.06
C ASP B 173 -2.95 13.61 13.03
N ALA B 174 -3.26 14.21 14.18
CA ALA B 174 -4.28 15.26 14.19
C ALA B 174 -3.83 16.50 13.41
N TRP B 175 -2.52 16.73 13.32
CA TRP B 175 -2.01 17.81 12.49
C TRP B 175 -2.13 17.47 11.01
N MET B 176 -1.92 16.20 10.65
CA MET B 176 -2.00 15.85 9.23
C MET B 176 -3.44 15.79 8.70
N MET B 177 -4.40 15.43 9.56
CA MET B 177 -5.75 15.10 9.09
C MET B 177 -6.72 16.29 9.17
N GLN B 178 -6.22 17.49 9.47
CA GLN B 178 -7.06 18.66 9.56
C GLN B 178 -7.59 19.05 8.17
N PRO B 179 -8.54 19.99 8.09
CA PRO B 179 -9.12 20.32 6.77
C PRO B 179 -8.11 20.77 5.72
N VAL B 180 -7.22 21.70 6.07
CA VAL B 180 -6.14 22.08 5.15
C VAL B 180 -4.85 21.50 5.72
N PRO B 181 -4.35 20.38 5.21
CA PRO B 181 -3.14 19.80 5.77
C PRO B 181 -1.91 20.64 5.44
N PRO B 182 -0.80 20.42 6.14
CA PRO B 182 0.42 21.17 5.82
C PRO B 182 0.84 20.95 4.37
N ARG B 183 1.17 22.04 3.68
CA ARG B 183 1.66 21.93 2.32
C ARG B 183 3.02 21.24 2.28
N ASN B 184 3.91 21.60 3.19
CA ASN B 184 5.20 20.93 3.36
C ASN B 184 5.21 20.19 4.69
N PHE B 185 5.83 19.01 4.71
CA PHE B 185 5.99 18.33 5.97
C PHE B 185 7.25 17.48 5.97
N VAL B 186 7.89 17.41 7.14
CA VAL B 186 9.04 16.55 7.43
C VAL B 186 8.71 15.86 8.75
N ILE B 187 8.44 14.56 8.71
CA ILE B 187 8.00 13.84 9.91
C ILE B 187 8.96 12.70 10.19
N LYS B 188 9.71 12.80 11.30
CA LYS B 188 10.58 11.71 11.71
C LYS B 188 9.77 10.49 12.16
N ILE B 189 10.13 9.33 11.63
CA ILE B 189 9.51 8.06 11.97
C ILE B 189 10.59 7.23 12.65
N GLN B 190 10.57 7.20 13.98
CA GLN B 190 11.60 6.49 14.75
C GLN B 190 11.52 4.99 14.54
N VAL B 191 10.30 4.43 14.55
CA VAL B 191 10.08 2.98 14.46
C VAL B 191 9.11 2.75 13.30
N PRO B 192 9.59 2.64 12.07
CA PRO B 192 8.69 2.67 10.90
C PRO B 192 8.02 1.35 10.58
N TYR B 193 8.28 0.28 11.32
CA TYR B 193 7.77 -1.03 10.96
C TYR B 193 6.62 -1.49 11.83
N THR B 194 6.17 -0.69 12.80
CA THR B 194 4.96 -1.07 13.50
C THR B 194 3.76 -0.99 12.55
N GLN B 195 2.71 -1.74 12.90
CA GLN B 195 1.50 -1.69 12.09
C GLN B 195 0.90 -0.28 12.10
N LYS B 196 0.92 0.40 13.24
CA LYS B 196 0.28 1.69 13.27
C LYS B 196 1.07 2.75 12.52
N ALA B 197 2.40 2.68 12.53
CA ALA B 197 3.19 3.64 11.78
C ALA B 197 2.90 3.49 10.29
N ILE B 198 2.93 2.26 9.79
CA ILE B 198 2.70 2.03 8.36
C ILE B 198 1.28 2.45 7.99
N ALA B 199 0.31 2.15 8.85
CA ALA B 199 -1.06 2.56 8.59
C ALA B 199 -1.20 4.09 8.59
N LEU B 200 -0.53 4.75 9.52
CA LEU B 200 -0.60 6.21 9.56
C LEU B 200 -0.01 6.82 8.30
N LEU B 201 1.14 6.31 7.85
CA LEU B 201 1.76 6.84 6.64
C LEU B 201 0.90 6.63 5.41
N GLU B 202 0.29 5.44 5.26
CA GLU B 202 -0.63 5.21 4.16
C GLU B 202 -1.82 6.17 4.21
N LYS B 203 -2.35 6.39 5.40
CA LYS B 203 -3.46 7.31 5.55
C LYS B 203 -3.06 8.74 5.17
N TRP B 204 -1.88 9.19 5.62
CA TRP B 204 -1.42 10.53 5.28
C TRP B 204 -1.22 10.68 3.78
N GLN B 205 -0.76 9.62 3.11
CA GLN B 205 -0.61 9.69 1.66
C GLN B 205 -1.97 9.88 0.98
N VAL B 206 -3.00 9.17 1.45
CA VAL B 206 -4.33 9.37 0.89
C VAL B 206 -4.83 10.80 1.17
N LYS B 207 -4.63 11.27 2.41
CA LYS B 207 -5.13 12.58 2.82
C LYS B 207 -4.48 13.72 2.02
N THR B 208 -3.15 13.67 1.86
CA THR B 208 -2.45 14.81 1.25
C THR B 208 -2.17 14.63 -0.23
N GLY B 209 -2.29 13.42 -0.76
CA GLY B 209 -1.87 13.17 -2.13
C GLY B 209 -0.38 13.17 -2.35
N LYS B 210 0.43 13.16 -1.27
CA LYS B 210 1.88 13.27 -1.38
C LYS B 210 2.53 12.29 -0.41
N GLY B 211 3.85 12.19 -0.52
CA GLY B 211 4.61 11.65 0.59
C GLY B 211 5.53 10.50 0.20
N ARG B 212 6.79 10.60 0.61
CA ARG B 212 7.77 9.55 0.41
C ARG B 212 8.52 9.31 1.71
N LEU B 213 8.72 8.04 2.05
CA LEU B 213 9.47 7.65 3.24
C LEU B 213 10.91 7.37 2.84
N VAL B 214 11.86 8.04 3.49
CA VAL B 214 13.26 7.92 3.09
C VAL B 214 14.12 7.55 4.28
N ARG B 215 15.22 6.86 3.99
CA ARG B 215 16.28 6.61 4.96
C ARG B 215 17.47 7.46 4.55
N LEU B 216 17.87 8.38 5.42
CA LEU B 216 19.00 9.25 5.15
C LEU B 216 20.28 8.43 5.14
N ALA B 217 21.06 8.55 4.08
CA ALA B 217 22.36 7.90 4.06
C ALA B 217 23.26 8.55 5.12
N GLY B 218 24.07 7.74 5.77
CA GLY B 218 24.92 8.25 6.82
C GLY B 218 24.26 8.36 8.18
N ASP B 219 22.95 8.13 8.29
CA ASP B 219 22.34 8.03 9.61
C ASP B 219 22.94 6.82 10.35
N ARG B 220 22.91 6.87 11.68
CA ARG B 220 23.50 5.81 12.48
C ARG B 220 22.80 4.48 12.23
N LEU B 221 23.58 3.44 11.97
CA LEU B 221 23.04 2.09 11.84
C LEU B 221 22.31 1.61 13.08
N SER B 222 22.41 2.33 14.20
CA SER B 222 21.85 1.88 15.46
C SER B 222 20.41 2.32 15.74
N ASN B 223 19.63 2.90 14.79
CA ASN B 223 18.35 3.50 15.21
C ASN B 223 17.04 3.21 14.44
N THR B 224 17.06 2.80 13.17
CA THR B 224 15.85 2.54 12.34
C THR B 224 15.09 3.80 11.93
N VAL B 225 15.66 4.99 12.11
CA VAL B 225 14.98 6.24 11.78
C VAL B 225 14.78 6.39 10.29
N MET B 226 13.56 6.77 9.88
CA MET B 226 13.25 7.23 8.52
C MET B 226 12.51 8.56 8.62
N TYR B 227 12.33 9.24 7.48
CA TYR B 227 11.60 10.52 7.45
C TYR B 227 10.56 10.50 6.35
N PHE B 228 9.36 10.95 6.69
CA PHE B 228 8.25 11.08 5.75
C PHE B 228 8.22 12.51 5.25
N LEU B 229 8.43 12.68 3.93
CA LEU B 229 8.60 13.97 3.29
C LEU B 229 7.48 14.25 2.29
N SER B 230 7.10 15.53 2.18
CA SER B 230 6.06 15.96 1.27
C SER B 230 6.53 16.11 -0.17
N VAL B 231 7.30 15.15 -0.69
CA VAL B 231 7.64 15.16 -2.11
C VAL B 231 6.61 14.31 -2.84
N ARG B 232 6.80 14.08 -4.13
CA ARG B 232 5.80 13.35 -4.88
C ARG B 232 5.58 11.95 -4.31
N LEU B 233 4.31 11.56 -4.29
CA LEU B 233 3.84 10.28 -3.76
C LEU B 233 4.75 9.13 -4.15
N GLU B 234 5.19 8.36 -3.15
CA GLU B 234 5.84 7.07 -3.38
C GLU B 234 5.14 6.04 -2.52
N THR B 235 4.41 5.13 -3.15
CA THR B 235 3.53 4.22 -2.45
C THR B 235 4.26 2.92 -2.16
N GLN B 236 3.51 1.89 -1.74
CA GLN B 236 4.08 0.60 -1.33
C GLN B 236 5.04 0.78 -0.15
N ILE B 237 4.63 1.61 0.81
CA ILE B 237 5.49 1.92 1.94
C ILE B 237 5.81 0.66 2.74
N ARG B 238 4.83 -0.23 2.90
CA ARG B 238 5.08 -1.46 3.67
C ARG B 238 6.27 -2.25 3.11
N GLY B 239 6.26 -2.51 1.80
CA GLY B 239 7.35 -3.27 1.20
C GLY B 239 8.68 -2.55 1.25
N ARG B 240 8.67 -1.22 1.14
CA ARG B 240 9.91 -0.45 1.20
C ARG B 240 10.50 -0.45 2.61
N VAL B 241 9.65 -0.42 3.64
CA VAL B 241 10.14 -0.61 5.00
C VAL B 241 10.73 -2.00 5.15
N THR B 242 10.07 -3.01 4.58
CA THR B 242 10.63 -4.37 4.62
C THR B 242 12.04 -4.40 4.04
N THR B 243 12.22 -3.83 2.85
CA THR B 243 13.56 -3.72 2.26
C THR B 243 14.51 -2.99 3.21
N PHE B 244 14.05 -1.89 3.81
CA PHE B 244 14.90 -1.11 4.71
C PHE B 244 15.39 -1.97 5.89
N VAL B 245 14.46 -2.65 6.57
CA VAL B 245 14.84 -3.38 7.77
C VAL B 245 15.73 -4.58 7.42
N ARG B 246 15.47 -5.23 6.29
CA ARG B 246 16.32 -6.36 5.89
C ARG B 246 17.74 -5.89 5.59
N GLU B 247 17.87 -4.85 4.75
CA GLU B 247 19.21 -4.35 4.41
C GLU B 247 19.91 -3.76 5.63
N LEU B 248 19.17 -3.06 6.49
CA LEU B 248 19.74 -2.56 7.73
C LEU B 248 20.31 -3.71 8.55
N ALA B 249 19.57 -4.82 8.67
CA ALA B 249 20.07 -5.96 9.42
C ALA B 249 21.38 -6.48 8.82
N GLU B 250 21.41 -6.70 7.49
CA GLU B 250 22.67 -7.15 6.88
C GLU B 250 23.81 -6.20 7.17
N ARG B 251 23.56 -4.89 7.07
CA ARG B 251 24.63 -3.89 7.27
C ARG B 251 25.14 -3.89 8.69
N ARG B 252 24.23 -4.00 9.67
CA ARG B 252 24.65 -4.11 11.06
C ARG B 252 25.54 -5.32 11.25
N LYS B 253 25.15 -6.46 10.66
CA LYS B 253 25.94 -7.69 10.84
C LYS B 253 27.32 -7.50 10.28
N ASP B 254 27.39 -7.04 9.03
CA ASP B 254 28.68 -6.83 8.38
C ASP B 254 29.58 -5.88 9.16
N ARG B 255 29.02 -4.77 9.66
CA ARG B 255 29.89 -3.84 10.38
C ARG B 255 30.20 -4.27 11.79
N SER B 256 29.43 -5.21 12.35
CA SER B 256 29.70 -5.68 13.70
C SER B 256 30.74 -6.80 13.73
N LEU B 257 30.94 -7.51 12.62
CA LEU B 257 31.88 -8.61 12.54
C LEU B 257 33.07 -8.26 11.66
N THR B 258 34.23 -8.81 12.01
CA THR B 258 35.34 -8.93 11.07
C THR B 258 35.47 -10.33 10.55
N ALA B 259 35.60 -10.44 9.24
CA ALA B 259 35.85 -11.71 8.62
C ALA B 259 37.33 -12.07 8.74
N ASP B 260 37.61 -13.37 8.55
CA ASP B 260 38.97 -13.86 8.31
C ASP B 260 38.96 -15.36 8.06
N SFG C . -15.35 -18.45 -16.26
CA SFG C . -16.36 -19.46 -16.34
C SFG C . -17.11 -19.22 -17.64
O SFG C . -16.81 -18.31 -18.35
OXT SFG C . -17.98 -19.99 -17.91
CB SFG C . -17.28 -19.42 -15.13
CG SFG C . -16.61 -20.00 -13.87
CD SFG C . -17.51 -20.08 -12.69
NE SFG C . -17.82 -18.73 -12.38
C5' SFG C . -16.86 -20.68 -11.46
C4' SFG C . -16.75 -22.19 -11.45
O4' SFG C . -15.80 -22.61 -10.50
C3' SFG C . -18.01 -22.91 -11.05
O3' SFG C . -18.34 -23.77 -12.08
C2' SFG C . -17.64 -23.83 -9.94
O2' SFG C . -18.13 -25.11 -10.21
C1' SFG C . -16.14 -23.87 -10.00
N9 SFG C . -15.50 -24.06 -8.70
C8 SFG C . -15.88 -23.58 -7.53
N7 SFG C . -15.03 -23.92 -6.55
C5 SFG C . -14.10 -24.66 -7.10
C6 SFG C . -12.90 -25.35 -6.64
N6 SFG C . -12.57 -25.33 -5.35
N1 SFG C . -12.19 -26.00 -7.53
C2 SFG C . -12.54 -26.04 -8.78
N3 SFG C . -13.60 -25.43 -9.28
C4 SFG C . -14.40 -24.74 -8.50
N SFG D . 15.27 18.74 15.62
CA SFG D . 15.87 18.99 16.92
C SFG D . 17.21 19.58 16.67
O SFG D . 17.56 19.72 15.49
OXT SFG D . 17.92 19.87 17.62
CB SFG D . 16.02 17.71 17.75
CG SFG D . 14.78 17.33 18.57
CD SFG D . 14.88 16.05 19.37
NE SFG D . 15.27 14.98 18.50
C5' SFG D . 13.57 15.65 20.05
C4' SFG D . 13.18 16.52 21.22
O4' SFG D . 11.82 16.40 21.51
C3' SFG D . 13.88 16.11 22.48
O3' SFG D . 14.63 17.22 22.88
C2' SFG D . 12.80 15.88 23.49
O2' SFG D . 13.11 16.54 24.68
C1' SFG D . 11.58 16.52 22.90
N9 SFG D . 10.37 15.77 23.23
C8 SFG D . 10.31 14.48 23.41
N7 SFG D . 9.09 14.07 23.67
C5 SFG D . 8.33 15.13 23.67
C6 SFG D . 6.92 15.37 23.85
N6 SFG D . 6.08 14.39 24.15
N1 SFG D . 6.51 16.60 23.75
C2 SFG D . 7.31 17.58 23.48
N3 SFG D . 8.59 17.46 23.29
C4 SFG D . 9.18 16.26 23.36
#